data_2FK6
#
_entry.id   2FK6
#
_cell.length_a   173.540
_cell.length_b   42.400
_cell.length_c   110.430
_cell.angle_alpha   90.00
_cell.angle_beta   121.42
_cell.angle_gamma   90.00
#
_symmetry.space_group_name_H-M   'C 1 2 1'
#
loop_
_entity.id
_entity.type
_entity.pdbx_description
1 polymer TRNA(THR)
2 polymer 'RIBONUCLEASE Z'
3 non-polymer 'ZINC ION'
4 non-polymer '2-(N-MORPHOLINO)-ETHANESULFONIC ACID'
5 non-polymer GLYCEROL
6 water water
#
loop_
_entity_poly.entity_id
_entity_poly.type
_entity_poly.pdbx_seq_one_letter_code
_entity_poly.pdbx_strand_id
1 'polyribonucleotide' GCUUCCAUAGCUCAGCAGGUAGAGCACUUCCAUGGUAAGGAAGAGGUCAGCGGUUCGAGCCCGCUUGGAAGCUUAAAUG R
2 'polypeptide(L)'
;MELLFLGTGAGIPAKARNVTSVALKLLEERRSVWLFDCGEATQHQMLHTTIKPRKIEKIFITHMAGDHVYGLPGLLGSRS
FQGGEDELTVYGPKGIKAFIETSLAVTKTHLTYPLAIQEIEEGIVFEDDQFIVTAVSVIHGVEAFGYRVQEKDVPGSLKA
DVLKEMNIPPGPVYQKIKKGETVTLEDGRIINGNDFLEPPKKGRSVVFSGDTRVSDKLKELARDCDVMVHEATFAKEDRK
LAYDYYHSTTEQAAVTAKEARAKQLILTHISARYQGDASLELQKEAVDVFPNSVAAYDFLEVNVPRGKLAAALEHHHHHH
;
A
#
# COMPACT_ATOMS: atom_id res chain seq x y z
N MET B 1 10.28 -2.59 -3.38
CA MET B 1 8.85 -2.24 -3.20
C MET B 1 7.98 -2.78 -4.32
N GLU B 2 7.13 -3.74 -3.99
CA GLU B 2 6.26 -4.31 -5.00
C GLU B 2 4.84 -4.51 -4.49
N LEU B 3 3.90 -4.38 -5.41
CA LEU B 3 2.47 -4.60 -5.16
C LEU B 3 2.17 -6.01 -5.60
N LEU B 4 1.70 -6.83 -4.67
CA LEU B 4 1.36 -8.21 -4.97
C LEU B 4 -0.09 -8.39 -4.56
N PHE B 5 -1.00 -8.41 -5.53
CA PHE B 5 -2.43 -8.54 -5.25
C PHE B 5 -2.79 -9.94 -4.80
N LEU B 6 -3.38 -10.05 -3.60
CA LEU B 6 -3.74 -11.37 -3.09
C LEU B 6 -5.21 -11.78 -3.29
N GLY B 7 -6.05 -10.79 -3.61
CA GLY B 7 -7.46 -11.03 -3.86
C GLY B 7 -7.96 -9.81 -4.61
N THR B 8 -8.42 -10.00 -5.84
CA THR B 8 -8.91 -8.87 -6.63
C THR B 8 -10.42 -8.89 -6.76
N GLY B 9 -11.04 -9.78 -5.99
CA GLY B 9 -12.49 -9.95 -6.00
C GLY B 9 -13.37 -8.80 -5.54
N ALA B 10 -14.64 -9.12 -5.30
CA ALA B 10 -15.65 -8.17 -4.85
C ALA B 10 -16.84 -8.91 -4.27
N GLY B 11 -17.39 -8.43 -3.17
CA GLY B 11 -18.54 -9.07 -2.55
C GLY B 11 -18.37 -10.47 -1.96
N ILE B 12 -18.06 -11.44 -2.80
CA ILE B 12 -17.85 -12.81 -2.29
C ILE B 12 -16.78 -13.53 -3.08
N PRO B 13 -16.13 -14.51 -2.45
CA PRO B 13 -15.08 -15.26 -3.13
C PRO B 13 -15.57 -16.01 -4.36
N ALA B 14 -14.68 -16.15 -5.32
CA ALA B 14 -14.94 -16.84 -6.57
C ALA B 14 -13.64 -17.56 -6.92
N LYS B 15 -13.72 -18.75 -7.50
CA LYS B 15 -12.49 -19.46 -7.87
C LYS B 15 -11.56 -18.55 -8.68
N ALA B 16 -12.13 -17.57 -9.37
CA ALA B 16 -11.33 -16.65 -10.17
C ALA B 16 -10.64 -15.58 -9.34
N ARG B 17 -11.37 -15.06 -8.36
CA ARG B 17 -10.83 -14.01 -7.51
C ARG B 17 -11.27 -14.16 -6.07
N ASN B 18 -10.33 -13.97 -5.14
CA ASN B 18 -10.68 -14.04 -3.74
C ASN B 18 -11.05 -12.61 -3.38
N VAL B 19 -11.71 -12.45 -2.24
CA VAL B 19 -12.07 -11.12 -1.80
C VAL B 19 -10.81 -10.30 -1.46
N THR B 20 -10.89 -8.99 -1.68
CA THR B 20 -9.83 -8.01 -1.47
C THR B 20 -8.73 -8.17 -0.39
N SER B 21 -7.53 -7.73 -0.78
CA SER B 21 -6.31 -7.72 0.02
C SER B 21 -5.13 -7.53 -0.92
N VAL B 22 -4.52 -6.37 -0.83
CA VAL B 22 -3.35 -6.03 -1.65
C VAL B 22 -2.14 -5.88 -0.73
N ALA B 23 -1.04 -6.56 -1.07
CA ALA B 23 0.16 -6.49 -0.25
C ALA B 23 1.21 -5.56 -0.84
N LEU B 24 1.71 -4.66 0.00
CA LEU B 24 2.77 -3.75 -0.44
C LEU B 24 4.06 -4.29 0.21
N LYS B 25 4.92 -4.87 -0.62
CA LYS B 25 6.16 -5.46 -0.13
C LYS B 25 7.23 -4.41 0.00
N LEU B 26 7.78 -4.31 1.21
CA LEU B 26 8.84 -3.35 1.54
C LEU B 26 9.97 -4.09 2.26
N LEU B 27 10.25 -5.31 1.82
CA LEU B 27 11.28 -6.14 2.45
C LEU B 27 12.65 -5.48 2.42
N GLU B 28 13.09 -5.04 1.25
CA GLU B 28 14.38 -4.40 1.13
C GLU B 28 14.24 -2.94 1.52
N GLU B 29 13.06 -2.52 1.92
CA GLU B 29 12.87 -1.12 2.29
C GLU B 29 12.80 -0.96 3.80
N ARG B 30 12.14 -1.90 4.46
CA ARG B 30 12.07 -1.84 5.90
C ARG B 30 11.88 -3.23 6.46
N ARG B 31 12.23 -4.22 5.65
CA ARG B 31 12.18 -5.62 6.04
C ARG B 31 10.80 -6.22 6.27
N SER B 32 9.76 -5.66 5.65
CA SER B 32 8.43 -6.20 5.89
C SER B 32 7.39 -5.92 4.82
N VAL B 33 6.18 -6.39 5.10
CA VAL B 33 5.07 -6.16 4.21
C VAL B 33 3.89 -5.55 4.92
N TRP B 34 3.18 -4.72 4.17
CA TRP B 34 1.97 -4.07 4.64
C TRP B 34 0.82 -4.56 3.79
N LEU B 35 -0.25 -5.01 4.44
CA LEU B 35 -1.45 -5.43 3.76
C LEU B 35 -2.44 -4.28 3.76
N PHE B 36 -3.17 -4.15 2.67
CA PHE B 36 -4.24 -3.15 2.61
C PHE B 36 -5.51 -3.95 2.42
N ASP B 37 -6.31 -3.96 3.48
CA ASP B 37 -7.54 -4.73 3.55
C ASP B 37 -7.10 -6.16 3.59
N CYS B 38 -7.86 -6.95 4.32
CA CYS B 38 -7.52 -8.32 4.53
C CYS B 38 -8.81 -9.13 4.57
N GLY B 39 -9.41 -9.26 3.37
CA GLY B 39 -10.65 -10.02 3.24
C GLY B 39 -10.43 -11.44 3.69
N GLU B 40 -11.50 -12.18 3.94
CA GLU B 40 -11.38 -13.56 4.37
C GLU B 40 -10.50 -14.41 3.46
N ALA B 41 -9.84 -15.38 4.08
CA ALA B 41 -8.94 -16.29 3.39
C ALA B 41 -7.67 -15.62 2.84
N THR B 42 -7.39 -14.37 3.24
CA THR B 42 -6.18 -13.70 2.76
C THR B 42 -4.92 -14.49 3.15
N GLN B 43 -4.90 -15.06 4.36
CA GLN B 43 -3.74 -15.80 4.76
C GLN B 43 -3.59 -16.99 3.80
N HIS B 44 -4.71 -17.59 3.45
CA HIS B 44 -4.75 -18.72 2.51
C HIS B 44 -4.06 -18.38 1.18
N GLN B 45 -4.37 -17.21 0.62
CA GLN B 45 -3.76 -16.80 -0.63
C GLN B 45 -2.25 -16.76 -0.46
N MET B 46 -1.85 -16.22 0.69
CA MET B 46 -0.45 -16.07 1.03
C MET B 46 0.36 -17.36 0.91
N LEU B 47 -0.22 -18.49 1.30
CA LEU B 47 0.45 -19.77 1.25
C LEU B 47 0.89 -20.12 -0.16
N HIS B 48 0.56 -19.26 -1.11
CA HIS B 48 0.91 -19.51 -2.49
C HIS B 48 1.93 -18.48 -2.89
N THR B 49 2.21 -17.55 -1.98
CA THR B 49 3.19 -16.52 -2.21
C THR B 49 4.30 -16.77 -1.23
N THR B 50 5.33 -15.94 -1.31
CA THR B 50 6.47 -16.06 -0.43
C THR B 50 6.32 -15.09 0.73
N ILE B 51 5.18 -14.40 0.77
CA ILE B 51 4.89 -13.46 1.86
C ILE B 51 4.58 -14.32 3.04
N LYS B 52 5.21 -14.05 4.17
CA LYS B 52 4.94 -14.81 5.39
C LYS B 52 4.37 -13.94 6.51
N PRO B 53 3.33 -14.43 7.20
CA PRO B 53 2.67 -13.73 8.29
C PRO B 53 3.59 -12.83 9.11
N ARG B 54 4.54 -13.44 9.83
CA ARG B 54 5.49 -12.71 10.66
C ARG B 54 6.16 -11.51 10.00
N LYS B 55 6.14 -11.49 8.67
CA LYS B 55 6.74 -10.40 7.89
C LYS B 55 5.82 -9.19 7.73
N ILE B 56 4.56 -9.33 8.18
CA ILE B 56 3.62 -8.22 8.08
C ILE B 56 3.68 -7.37 9.34
N GLU B 57 4.04 -6.11 9.10
CA GLU B 57 4.19 -5.11 10.12
C GLU B 57 2.91 -4.30 10.39
N LYS B 58 2.14 -4.01 9.35
CA LYS B 58 0.91 -3.26 9.53
C LYS B 58 -0.19 -3.38 8.45
N ILE B 59 -1.39 -3.75 8.89
CA ILE B 59 -2.54 -3.87 8.01
C ILE B 59 -3.46 -2.63 8.00
N PHE B 60 -3.68 -2.04 6.83
CA PHE B 60 -4.57 -0.87 6.74
C PHE B 60 -5.92 -1.29 6.14
N ILE B 61 -7.00 -1.01 6.86
CA ILE B 61 -8.33 -1.35 6.36
C ILE B 61 -9.02 -0.11 5.78
N THR B 62 -9.66 -0.25 4.62
CA THR B 62 -10.35 0.88 3.96
C THR B 62 -11.75 1.21 4.52
N HIS B 63 -12.51 0.16 4.84
CA HIS B 63 -13.82 0.33 5.42
C HIS B 63 -14.34 -1.03 5.89
N MET B 64 -14.97 -1.03 7.06
CA MET B 64 -15.53 -2.25 7.63
C MET B 64 -16.47 -2.89 6.64
N ALA B 65 -16.10 -4.09 6.20
CA ALA B 65 -16.89 -4.81 5.22
C ALA B 65 -16.30 -6.21 5.21
N GLY B 66 -17.08 -7.19 5.65
CA GLY B 66 -16.59 -8.55 5.70
C GLY B 66 -15.65 -8.98 4.58
N ASP B 67 -15.80 -8.40 3.39
CA ASP B 67 -14.95 -8.80 2.28
C ASP B 67 -13.63 -8.04 2.30
N HIS B 68 -13.44 -7.31 3.40
CA HIS B 68 -12.26 -6.51 3.65
C HIS B 68 -11.64 -6.80 5.01
N VAL B 69 -12.36 -7.47 5.89
CA VAL B 69 -11.82 -7.70 7.23
C VAL B 69 -12.03 -9.05 7.88
N TYR B 70 -12.88 -9.90 7.31
CA TYR B 70 -13.08 -11.19 7.95
C TYR B 70 -11.79 -12.00 7.95
N GLY B 71 -10.73 -11.44 7.37
CA GLY B 71 -9.45 -12.14 7.34
C GLY B 71 -8.50 -11.80 8.47
N LEU B 72 -8.77 -10.75 9.26
CA LEU B 72 -7.85 -10.38 10.35
C LEU B 72 -7.69 -11.42 11.46
N PRO B 73 -8.79 -11.80 12.12
CA PRO B 73 -8.71 -12.79 13.19
C PRO B 73 -7.75 -13.92 12.89
N GLY B 74 -8.07 -14.69 11.85
CA GLY B 74 -7.24 -15.82 11.45
C GLY B 74 -5.83 -15.47 11.05
N LEU B 75 -5.62 -14.30 10.48
CA LEU B 75 -4.27 -13.90 10.07
C LEU B 75 -3.36 -13.59 11.26
N LEU B 76 -3.83 -12.71 12.13
CA LEU B 76 -3.07 -12.34 13.30
C LEU B 76 -2.81 -13.58 14.13
N GLY B 77 -3.83 -14.42 14.26
CA GLY B 77 -3.68 -15.63 15.05
C GLY B 77 -2.54 -16.48 14.51
N SER B 78 -2.51 -16.61 13.20
CA SER B 78 -1.50 -17.41 12.53
C SER B 78 -0.13 -16.83 12.76
N ARG B 79 -0.05 -15.51 12.84
CA ARG B 79 1.24 -14.85 13.05
C ARG B 79 1.73 -15.25 14.43
N SER B 80 0.80 -15.34 15.37
CA SER B 80 1.14 -15.70 16.74
C SER B 80 1.45 -17.18 16.81
N PHE B 81 0.74 -17.96 15.99
CA PHE B 81 0.90 -19.41 15.94
C PHE B 81 2.27 -19.81 15.43
N GLN B 82 2.89 -18.93 14.64
CA GLN B 82 4.20 -19.22 14.05
C GLN B 82 5.31 -18.41 14.67
N GLY B 83 5.16 -18.03 15.94
CA GLY B 83 6.20 -17.26 16.58
C GLY B 83 5.90 -15.79 16.50
N GLY B 84 6.53 -15.09 15.58
CA GLY B 84 6.30 -13.66 15.42
C GLY B 84 6.33 -12.90 16.74
N GLU B 85 7.27 -11.97 16.87
CA GLU B 85 7.36 -11.19 18.10
C GLU B 85 7.33 -9.71 17.82
N ASP B 86 7.62 -9.31 16.58
CA ASP B 86 7.61 -7.90 16.20
C ASP B 86 6.26 -7.27 16.49
N GLU B 87 6.19 -5.95 16.51
CA GLU B 87 4.89 -5.34 16.76
C GLU B 87 4.11 -5.23 15.45
N LEU B 88 2.79 -5.34 15.55
CA LEU B 88 1.94 -5.23 14.38
C LEU B 88 0.86 -4.20 14.65
N THR B 89 0.74 -3.22 13.77
CA THR B 89 -0.30 -2.24 13.94
C THR B 89 -1.36 -2.35 12.87
N VAL B 90 -2.62 -2.50 13.30
CA VAL B 90 -3.74 -2.55 12.39
C VAL B 90 -4.35 -1.15 12.36
N TYR B 91 -4.41 -0.54 11.19
CA TYR B 91 -5.03 0.77 11.10
C TYR B 91 -6.41 0.58 10.43
N GLY B 92 -7.45 1.11 11.06
CA GLY B 92 -8.78 0.96 10.48
C GLY B 92 -9.79 2.02 10.90
N PRO B 93 -11.08 1.79 10.64
CA PRO B 93 -12.11 2.77 11.04
C PRO B 93 -12.74 2.34 12.35
N LYS B 94 -13.65 3.16 12.87
CA LYS B 94 -14.32 2.78 14.11
C LYS B 94 -14.97 1.43 13.89
N GLY B 95 -14.70 0.50 14.78
CA GLY B 95 -15.28 -0.82 14.67
C GLY B 95 -14.19 -1.84 14.59
N ILE B 96 -13.07 -1.45 13.99
CA ILE B 96 -11.93 -2.36 13.82
C ILE B 96 -11.36 -2.90 15.12
N LYS B 97 -11.39 -2.10 16.17
CA LYS B 97 -10.86 -2.54 17.45
C LYS B 97 -11.78 -3.59 18.05
N ALA B 98 -13.08 -3.29 18.05
CA ALA B 98 -14.05 -4.19 18.61
C ALA B 98 -13.95 -5.53 17.91
N PHE B 99 -13.95 -5.48 16.58
CA PHE B 99 -13.89 -6.69 15.79
C PHE B 99 -12.68 -7.58 16.13
N ILE B 100 -11.49 -6.98 16.06
CA ILE B 100 -10.28 -7.71 16.34
C ILE B 100 -10.28 -8.22 17.77
N GLU B 101 -10.54 -7.30 18.68
CA GLU B 101 -10.54 -7.60 20.11
C GLU B 101 -11.49 -8.70 20.54
N THR B 102 -12.72 -8.67 20.04
CA THR B 102 -13.73 -9.67 20.41
C THR B 102 -13.37 -11.05 19.86
N SER B 103 -12.93 -11.07 18.61
CA SER B 103 -12.56 -12.30 17.91
C SER B 103 -11.49 -13.07 18.66
N LEU B 104 -10.46 -12.38 19.12
CA LEU B 104 -9.38 -13.04 19.86
C LEU B 104 -9.87 -13.49 21.23
N ALA B 105 -10.60 -12.60 21.89
CA ALA B 105 -11.14 -12.88 23.20
C ALA B 105 -11.97 -14.16 23.24
N VAL B 106 -13.06 -14.20 22.48
CA VAL B 106 -13.95 -15.36 22.42
C VAL B 106 -13.20 -16.63 22.08
N THR B 107 -12.12 -16.48 21.33
CA THR B 107 -11.31 -17.61 20.92
C THR B 107 -10.18 -17.88 21.91
N LYS B 108 -10.16 -17.10 22.99
CA LYS B 108 -9.13 -17.22 24.03
C LYS B 108 -7.72 -17.21 23.38
N THR B 109 -7.59 -16.37 22.36
CA THR B 109 -6.35 -16.24 21.62
C THR B 109 -5.37 -15.25 22.23
N HIS B 110 -4.31 -15.77 22.84
CA HIS B 110 -3.31 -14.91 23.44
C HIS B 110 -2.23 -14.72 22.39
N LEU B 111 -2.02 -13.47 22.00
CA LEU B 111 -1.04 -13.16 20.97
C LEU B 111 0.37 -13.09 21.50
N THR B 112 1.26 -13.84 20.89
CA THR B 112 2.65 -13.84 21.30
C THR B 112 3.36 -12.60 20.81
N TYR B 113 2.64 -11.50 20.60
CA TYR B 113 3.25 -10.25 20.16
C TYR B 113 2.41 -9.03 20.51
N PRO B 114 2.95 -7.84 20.32
CA PRO B 114 2.16 -6.65 20.65
C PRO B 114 1.27 -6.24 19.47
N LEU B 115 -0.03 -6.13 19.74
CA LEU B 115 -0.97 -5.75 18.71
C LEU B 115 -1.50 -4.35 18.96
N ALA B 116 -1.17 -3.43 18.07
CA ALA B 116 -1.65 -2.06 18.17
C ALA B 116 -2.76 -1.85 17.14
N ILE B 117 -3.96 -1.56 17.63
CA ILE B 117 -5.11 -1.31 16.77
C ILE B 117 -5.39 0.20 16.80
N GLN B 118 -5.36 0.85 15.65
CA GLN B 118 -5.64 2.29 15.60
C GLN B 118 -6.83 2.65 14.70
N GLU B 119 -7.90 3.13 15.32
CA GLU B 119 -9.08 3.53 14.56
C GLU B 119 -8.80 4.94 14.09
N ILE B 120 -8.38 5.05 12.83
CA ILE B 120 -7.99 6.31 12.19
C ILE B 120 -9.04 7.32 11.80
N GLU B 121 -8.56 8.39 11.16
CA GLU B 121 -9.36 9.51 10.66
C GLU B 121 -8.50 10.38 9.73
N GLU B 122 -9.11 11.06 8.78
CA GLU B 122 -8.39 11.92 7.84
C GLU B 122 -7.08 12.51 8.35
N GLY B 123 -6.07 12.52 7.48
CA GLY B 123 -4.75 13.03 7.84
C GLY B 123 -3.68 11.96 7.92
N ILE B 124 -2.54 12.33 8.50
CA ILE B 124 -1.42 11.41 8.64
C ILE B 124 -1.78 10.33 9.64
N VAL B 125 -1.73 9.07 9.24
CA VAL B 125 -2.06 8.01 10.18
C VAL B 125 -0.82 7.25 10.62
N PHE B 126 0.29 7.58 9.99
CA PHE B 126 1.57 6.98 10.36
C PHE B 126 2.68 7.70 9.68
N GLU B 127 3.73 7.97 10.42
CA GLU B 127 4.86 8.65 9.84
C GLU B 127 6.13 8.39 10.60
N ASP B 128 7.21 8.35 9.84
CA ASP B 128 8.52 8.17 10.41
C ASP B 128 9.49 8.85 9.46
N ASP B 129 10.72 8.40 9.42
CA ASP B 129 11.69 9.09 8.59
C ASP B 129 11.74 8.59 7.18
N GLN B 130 11.12 7.43 6.97
CA GLN B 130 11.11 6.81 5.69
C GLN B 130 9.76 6.96 4.93
N PHE B 131 8.67 6.79 5.67
CA PHE B 131 7.33 6.85 5.09
C PHE B 131 6.31 7.75 5.76
N ILE B 132 5.32 8.18 4.98
CA ILE B 132 4.26 9.00 5.51
C ILE B 132 2.97 8.56 4.84
N VAL B 133 2.16 7.89 5.62
CA VAL B 133 0.88 7.36 5.19
C VAL B 133 -0.32 8.24 5.60
N THR B 134 -0.80 9.01 4.63
CA THR B 134 -1.95 9.87 4.85
C THR B 134 -3.26 9.18 4.39
N ALA B 135 -4.33 9.36 5.15
CA ALA B 135 -5.62 8.76 4.82
C ALA B 135 -6.67 9.85 4.57
N VAL B 136 -7.75 9.50 3.91
CA VAL B 136 -8.81 10.48 3.62
C VAL B 136 -10.17 9.83 3.51
N SER B 137 -11.23 10.61 3.73
CA SER B 137 -12.59 10.07 3.64
C SER B 137 -13.04 9.93 2.20
N VAL B 138 -13.59 8.76 1.87
CA VAL B 138 -14.09 8.53 0.51
C VAL B 138 -15.61 8.37 0.49
N ILE B 139 -16.18 8.49 -0.70
CA ILE B 139 -17.61 8.36 -0.87
C ILE B 139 -18.02 6.88 -0.86
N HIS B 140 -18.34 6.37 0.32
CA HIS B 140 -18.81 4.98 0.42
C HIS B 140 -19.48 4.81 1.76
N GLY B 141 -19.83 5.93 2.37
CA GLY B 141 -20.48 5.90 3.67
C GLY B 141 -19.54 6.30 4.79
N VAL B 142 -20.11 6.87 5.84
CA VAL B 142 -19.33 7.29 6.99
C VAL B 142 -18.33 6.19 7.35
N GLU B 143 -17.10 6.59 7.66
CA GLU B 143 -16.03 5.66 8.05
C GLU B 143 -15.42 4.88 6.90
N ALA B 144 -15.11 5.58 5.81
CA ALA B 144 -14.51 4.96 4.63
C ALA B 144 -13.34 5.82 4.19
N PHE B 145 -12.19 5.17 4.02
CA PHE B 145 -10.99 5.88 3.64
C PHE B 145 -10.19 5.36 2.46
N GLY B 146 -9.40 6.26 1.89
CA GLY B 146 -8.50 5.95 0.81
C GLY B 146 -7.13 6.28 1.38
N TYR B 147 -6.15 5.40 1.18
CA TYR B 147 -4.81 5.61 1.72
C TYR B 147 -3.75 5.95 0.69
N ARG B 148 -2.78 6.75 1.10
CA ARG B 148 -1.64 7.05 0.24
C ARG B 148 -0.40 6.70 1.05
N VAL B 149 0.38 5.77 0.56
CA VAL B 149 1.62 5.37 1.19
C VAL B 149 2.69 6.17 0.49
N GLN B 150 3.22 7.19 1.16
CA GLN B 150 4.25 8.00 0.55
C GLN B 150 5.64 7.80 1.12
N GLU B 151 6.53 7.25 0.31
CA GLU B 151 7.91 7.04 0.70
C GLU B 151 8.61 8.38 0.60
N LYS B 152 9.24 8.82 1.67
CA LYS B 152 9.95 10.09 1.66
C LYS B 152 11.25 10.03 0.87
N ASP B 153 11.63 11.16 0.29
CA ASP B 153 12.87 11.21 -0.47
C ASP B 153 14.04 10.63 0.27
N VAL B 154 14.86 9.88 -0.45
CA VAL B 154 16.06 9.26 0.10
C VAL B 154 17.25 10.15 -0.28
N PRO B 155 18.30 10.13 0.54
CA PRO B 155 19.49 10.95 0.29
C PRO B 155 20.23 10.60 -0.98
N GLY B 156 20.90 11.60 -1.55
CA GLY B 156 21.65 11.37 -2.76
C GLY B 156 22.82 10.42 -2.50
N SER B 157 23.25 9.75 -3.56
CA SER B 157 24.38 8.85 -3.46
C SER B 157 25.66 9.64 -3.09
N LEU B 158 26.55 8.96 -2.38
CA LEU B 158 27.81 9.53 -1.91
C LEU B 158 28.83 9.61 -3.04
N LYS B 159 29.40 10.78 -3.27
CA LYS B 159 30.41 10.92 -4.33
C LYS B 159 31.74 10.28 -3.84
N ALA B 160 31.63 9.04 -3.38
CA ALA B 160 32.73 8.28 -2.83
C ALA B 160 34.10 8.40 -3.46
N ASP B 161 34.20 8.31 -4.78
CA ASP B 161 35.51 8.35 -5.39
C ASP B 161 36.05 9.72 -5.64
N VAL B 162 35.51 10.69 -4.93
CA VAL B 162 36.01 12.05 -5.02
C VAL B 162 36.64 12.15 -3.64
N LEU B 163 36.01 11.48 -2.69
CA LEU B 163 36.50 11.45 -1.33
C LEU B 163 37.83 10.72 -1.36
N LYS B 164 37.87 9.64 -2.15
CA LYS B 164 39.08 8.84 -2.30
C LYS B 164 40.16 9.61 -3.03
N GLU B 165 39.80 10.24 -4.13
CA GLU B 165 40.74 11.01 -4.91
C GLU B 165 41.27 12.14 -4.05
N MET B 166 40.58 12.43 -2.95
CA MET B 166 41.01 13.49 -2.03
C MET B 166 41.74 12.83 -0.88
N ASN B 167 42.14 11.59 -1.12
CA ASN B 167 42.88 10.87 -0.13
C ASN B 167 42.14 10.83 1.21
N ILE B 168 40.88 10.42 1.16
CA ILE B 168 40.09 10.30 2.37
C ILE B 168 39.66 8.85 2.38
N PRO B 169 40.40 8.02 3.10
CA PRO B 169 40.13 6.59 3.21
C PRO B 169 38.68 6.23 3.51
N PRO B 170 38.12 5.29 2.75
CA PRO B 170 36.74 4.90 2.98
C PRO B 170 36.61 4.22 4.33
N GLY B 171 35.65 4.65 5.13
CA GLY B 171 35.45 4.06 6.44
C GLY B 171 34.29 4.75 7.11
N PRO B 172 34.11 4.58 8.43
CA PRO B 172 33.01 5.23 9.15
C PRO B 172 32.79 6.69 8.78
N VAL B 173 33.85 7.48 8.83
CA VAL B 173 33.76 8.89 8.49
C VAL B 173 32.94 9.09 7.22
N TYR B 174 32.68 8.00 6.50
CA TYR B 174 31.93 8.11 5.28
C TYR B 174 30.46 8.35 5.51
N GLN B 175 29.79 7.45 6.24
CA GLN B 175 28.37 7.62 6.50
C GLN B 175 28.05 8.95 7.20
N LYS B 176 29.02 9.49 7.93
CA LYS B 176 28.78 10.76 8.58
C LYS B 176 28.69 11.78 7.45
N ILE B 177 29.53 11.61 6.45
CA ILE B 177 29.54 12.50 5.29
C ILE B 177 28.26 12.31 4.49
N LYS B 178 27.84 11.06 4.34
CA LYS B 178 26.62 10.74 3.61
C LYS B 178 25.43 11.42 4.26
N LYS B 179 25.62 11.80 5.53
CA LYS B 179 24.58 12.48 6.31
C LYS B 179 24.70 14.01 6.30
N GLY B 180 25.50 14.56 5.40
CA GLY B 180 25.63 16.02 5.34
C GLY B 180 26.50 16.62 6.43
N GLU B 181 26.71 15.85 7.49
CA GLU B 181 27.53 16.29 8.62
C GLU B 181 28.91 16.77 8.15
N THR B 182 29.45 17.77 8.82
CA THR B 182 30.79 18.25 8.51
C THR B 182 31.65 17.53 9.54
N VAL B 183 32.69 16.86 9.08
CA VAL B 183 33.52 16.10 10.02
C VAL B 183 34.98 16.47 10.05
N THR B 184 35.67 15.95 11.07
CA THR B 184 37.09 16.17 11.26
C THR B 184 37.81 14.87 10.93
N LEU B 185 38.68 14.92 9.94
CA LEU B 185 39.41 13.74 9.49
C LEU B 185 40.59 13.42 10.38
N GLU B 186 41.03 12.16 10.31
CA GLU B 186 42.18 11.68 11.07
C GLU B 186 43.34 12.68 10.96
N ASP B 187 43.40 13.37 9.83
CA ASP B 187 44.45 14.35 9.61
C ASP B 187 43.95 15.77 9.91
N GLY B 188 43.19 15.90 10.99
CA GLY B 188 42.65 17.20 11.40
C GLY B 188 42.10 17.97 10.21
N ARG B 189 41.64 17.21 9.24
CA ARG B 189 41.07 17.77 8.02
C ARG B 189 39.57 17.93 8.25
N ILE B 190 39.00 18.99 7.68
CA ILE B 190 37.58 19.25 7.83
C ILE B 190 36.91 19.36 6.46
N ILE B 191 35.91 18.52 6.24
CA ILE B 191 35.14 18.49 4.99
C ILE B 191 33.64 18.58 5.30
N ASN B 192 32.87 19.18 4.38
CA ASN B 192 31.43 19.29 4.61
C ASN B 192 30.64 18.27 3.81
N GLY B 193 30.31 17.16 4.48
CA GLY B 193 29.57 16.09 3.84
C GLY B 193 28.65 16.50 2.70
N ASN B 194 27.83 17.50 2.96
CA ASN B 194 26.89 17.96 1.95
C ASN B 194 27.55 18.21 0.61
N ASP B 195 28.78 18.71 0.63
CA ASP B 195 29.53 19.00 -0.60
C ASP B 195 29.76 17.79 -1.52
N PHE B 196 29.87 16.61 -0.94
CA PHE B 196 30.12 15.41 -1.71
C PHE B 196 28.91 14.53 -1.84
N LEU B 197 27.78 15.16 -2.12
CA LEU B 197 26.53 14.43 -2.26
C LEU B 197 25.77 14.71 -3.55
N GLU B 198 25.05 13.68 -3.99
CA GLU B 198 24.25 13.76 -5.18
C GLU B 198 22.86 14.24 -4.77
N PRO B 199 22.13 14.86 -5.72
CA PRO B 199 20.78 15.34 -5.44
C PRO B 199 19.92 14.17 -4.97
N PRO B 200 19.05 14.40 -3.98
CA PRO B 200 18.19 13.33 -3.44
C PRO B 200 17.28 12.64 -4.45
N LYS B 201 17.14 11.33 -4.27
CA LYS B 201 16.28 10.52 -5.12
C LYS B 201 14.84 10.68 -4.59
N LYS B 202 13.93 11.13 -5.45
CA LYS B 202 12.55 11.30 -5.03
C LYS B 202 12.00 9.92 -4.69
N GLY B 203 11.15 9.89 -3.65
CA GLY B 203 10.56 8.65 -3.19
C GLY B 203 9.22 8.27 -3.79
N ARG B 204 9.01 6.97 -3.96
CA ARG B 204 7.77 6.41 -4.52
C ARG B 204 6.51 6.62 -3.68
N SER B 205 5.37 6.48 -4.35
CA SER B 205 4.05 6.64 -3.75
C SER B 205 3.01 5.70 -4.34
N VAL B 206 2.23 5.06 -3.49
CA VAL B 206 1.20 4.18 -3.95
C VAL B 206 -0.08 4.59 -3.26
N VAL B 207 -1.21 4.48 -3.97
CA VAL B 207 -2.50 4.85 -3.40
C VAL B 207 -3.51 3.73 -3.46
N PHE B 208 -4.34 3.64 -2.43
CA PHE B 208 -5.39 2.62 -2.39
C PHE B 208 -6.68 3.35 -2.11
N SER B 209 -7.51 3.50 -3.13
CA SER B 209 -8.80 4.19 -3.00
C SER B 209 -9.80 3.43 -2.13
N GLY B 210 -9.63 2.11 -2.05
CA GLY B 210 -10.55 1.30 -1.26
C GLY B 210 -11.85 1.25 -2.02
N ASP B 211 -12.97 1.10 -1.30
CA ASP B 211 -14.28 1.08 -1.94
C ASP B 211 -14.87 2.48 -1.90
N THR B 212 -15.22 3.02 -3.05
CA THR B 212 -15.76 4.36 -3.10
C THR B 212 -16.39 4.71 -4.44
N ARG B 213 -17.13 5.80 -4.45
CA ARG B 213 -17.77 6.30 -5.64
C ARG B 213 -16.76 7.33 -6.17
N VAL B 214 -16.83 7.66 -7.45
CA VAL B 214 -15.91 8.65 -8.00
C VAL B 214 -15.82 9.77 -7.00
N SER B 215 -14.61 10.17 -6.66
CA SER B 215 -14.42 11.21 -5.67
C SER B 215 -13.33 12.19 -6.03
N ASP B 216 -13.55 13.46 -5.73
CA ASP B 216 -12.56 14.48 -6.01
C ASP B 216 -11.51 14.47 -4.91
N LYS B 217 -11.91 14.05 -3.71
CA LYS B 217 -10.99 13.96 -2.60
C LYS B 217 -9.91 13.01 -3.09
N LEU B 218 -10.34 11.79 -3.41
CA LEU B 218 -9.44 10.76 -3.89
C LEU B 218 -8.51 11.30 -4.97
N LYS B 219 -9.08 12.01 -5.93
CA LYS B 219 -8.30 12.58 -7.00
C LYS B 219 -7.09 13.32 -6.43
N GLU B 220 -7.33 14.17 -5.43
CA GLU B 220 -6.25 14.95 -4.81
C GLU B 220 -5.28 14.11 -4.00
N LEU B 221 -5.79 13.05 -3.37
CA LEU B 221 -4.95 12.18 -2.58
C LEU B 221 -3.88 11.50 -3.44
N ALA B 222 -4.25 11.15 -4.66
CA ALA B 222 -3.32 10.45 -5.56
C ALA B 222 -2.51 11.34 -6.47
N ARG B 223 -2.50 12.63 -6.18
CA ARG B 223 -1.76 13.56 -7.01
C ARG B 223 -0.33 13.13 -7.29
N ASP B 224 -0.02 13.05 -8.59
CA ASP B 224 1.29 12.68 -9.08
C ASP B 224 1.74 11.33 -8.59
N CYS B 225 0.90 10.69 -7.80
CA CYS B 225 1.22 9.37 -7.26
C CYS B 225 1.81 8.42 -8.32
N ASP B 226 2.52 7.39 -7.87
CA ASP B 226 3.12 6.43 -8.80
C ASP B 226 2.12 5.40 -9.25
N VAL B 227 1.47 4.75 -8.29
CA VAL B 227 0.47 3.75 -8.62
C VAL B 227 -0.76 3.99 -7.80
N MET B 228 -1.89 4.02 -8.48
CA MET B 228 -3.15 4.20 -7.82
C MET B 228 -3.97 2.93 -7.97
N VAL B 229 -4.06 2.14 -6.92
CA VAL B 229 -4.84 0.92 -6.96
C VAL B 229 -6.26 1.41 -6.76
N HIS B 230 -7.06 1.35 -7.82
CA HIS B 230 -8.42 1.83 -7.77
C HIS B 230 -9.43 0.75 -7.98
N GLU B 231 -10.51 0.82 -7.22
CA GLU B 231 -11.58 -0.15 -7.34
C GLU B 231 -12.49 0.24 -8.48
N ALA B 232 -12.79 -0.72 -9.34
CA ALA B 232 -13.67 -0.52 -10.48
C ALA B 232 -14.59 -1.71 -10.44
N THR B 233 -15.66 -1.62 -9.67
CA THR B 233 -16.60 -2.72 -9.54
C THR B 233 -17.45 -2.93 -10.80
N PHE B 234 -17.71 -1.84 -11.52
CA PHE B 234 -18.55 -1.87 -12.73
C PHE B 234 -17.94 -1.34 -14.03
N ALA B 235 -18.52 -1.76 -15.15
CA ALA B 235 -18.08 -1.32 -16.46
C ALA B 235 -18.55 0.11 -16.68
N LYS B 236 -18.30 0.66 -17.86
CA LYS B 236 -18.71 2.03 -18.17
C LYS B 236 -20.21 2.27 -18.06
N GLU B 237 -20.99 1.47 -18.80
CA GLU B 237 -22.44 1.59 -18.83
C GLU B 237 -23.16 1.58 -17.48
N ASP B 238 -22.77 0.68 -16.60
CA ASP B 238 -23.42 0.56 -15.30
C ASP B 238 -23.16 1.72 -14.34
N ARG B 239 -23.09 2.93 -14.90
CA ARG B 239 -22.84 4.14 -14.12
C ARG B 239 -23.81 4.30 -12.95
N LYS B 240 -25.07 3.92 -13.18
CA LYS B 240 -26.10 4.03 -12.14
C LYS B 240 -25.90 2.93 -11.11
N LEU B 241 -25.67 1.71 -11.58
CA LEU B 241 -25.47 0.57 -10.70
C LEU B 241 -24.36 0.89 -9.68
N ALA B 242 -23.34 1.61 -10.16
CA ALA B 242 -22.22 2.00 -9.32
C ALA B 242 -22.61 3.06 -8.30
N TYR B 243 -23.21 4.14 -8.78
CA TYR B 243 -23.65 5.23 -7.92
C TYR B 243 -24.44 4.70 -6.71
N ASP B 244 -25.47 3.90 -6.97
CA ASP B 244 -26.30 3.37 -5.89
C ASP B 244 -25.57 2.53 -4.84
N TYR B 245 -24.63 1.71 -5.26
CA TYR B 245 -23.89 0.88 -4.31
C TYR B 245 -22.63 1.58 -3.76
N TYR B 246 -22.42 2.81 -4.20
CA TYR B 246 -21.28 3.62 -3.78
C TYR B 246 -19.97 3.10 -4.35
N HIS B 247 -20.04 2.54 -5.55
CA HIS B 247 -18.85 2.01 -6.18
C HIS B 247 -18.37 2.82 -7.38
N SER B 248 -17.50 2.23 -8.19
CA SER B 248 -16.97 2.96 -9.33
C SER B 248 -16.90 2.15 -10.62
N THR B 249 -16.69 2.86 -11.74
CA THR B 249 -16.61 2.24 -13.05
C THR B 249 -15.24 2.41 -13.66
N THR B 250 -14.80 1.39 -14.39
CA THR B 250 -13.51 1.45 -15.05
C THR B 250 -13.24 2.88 -15.52
N GLU B 251 -14.01 3.34 -16.49
CA GLU B 251 -13.85 4.68 -17.04
C GLU B 251 -13.71 5.74 -15.95
N GLN B 252 -14.40 5.55 -14.85
CA GLN B 252 -14.33 6.51 -13.75
C GLN B 252 -12.92 6.53 -13.13
N ALA B 253 -12.42 5.34 -12.78
CA ALA B 253 -11.09 5.20 -12.19
C ALA B 253 -10.06 5.83 -13.12
N ALA B 254 -10.20 5.55 -14.41
CA ALA B 254 -9.28 6.07 -15.42
C ALA B 254 -9.29 7.59 -15.49
N VAL B 255 -10.47 8.19 -15.41
CA VAL B 255 -10.56 9.64 -15.46
C VAL B 255 -9.75 10.14 -14.28
N THR B 256 -10.08 9.59 -13.11
CA THR B 256 -9.42 9.92 -11.86
C THR B 256 -7.89 9.91 -11.98
N ALA B 257 -7.34 8.79 -12.45
CA ALA B 257 -5.90 8.70 -12.60
C ALA B 257 -5.39 9.79 -13.50
N LYS B 258 -6.01 9.95 -14.66
CA LYS B 258 -5.60 10.96 -15.61
C LYS B 258 -5.58 12.34 -14.97
N GLU B 259 -6.67 12.67 -14.32
CA GLU B 259 -6.82 13.97 -13.67
C GLU B 259 -5.84 14.19 -12.53
N ALA B 260 -5.47 13.11 -11.85
CA ALA B 260 -4.51 13.18 -10.76
C ALA B 260 -3.08 13.17 -11.30
N ARG B 261 -2.94 12.85 -12.58
CA ARG B 261 -1.63 12.77 -13.22
C ARG B 261 -0.86 11.62 -12.59
N ALA B 262 -1.61 10.62 -12.14
CA ALA B 262 -1.00 9.43 -11.55
C ALA B 262 -0.20 8.81 -12.68
N LYS B 263 0.77 7.98 -12.35
CA LYS B 263 1.59 7.39 -13.39
C LYS B 263 1.03 6.08 -13.92
N GLN B 264 0.40 5.31 -13.05
CA GLN B 264 -0.16 4.04 -13.47
C GLN B 264 -1.42 3.79 -12.68
N LEU B 265 -2.35 3.03 -13.26
CA LEU B 265 -3.60 2.73 -12.61
C LEU B 265 -3.80 1.23 -12.65
N ILE B 266 -4.24 0.67 -11.54
CA ILE B 266 -4.52 -0.74 -11.49
C ILE B 266 -5.96 -0.88 -11.06
N LEU B 267 -6.77 -1.49 -11.92
CA LEU B 267 -8.18 -1.69 -11.65
C LEU B 267 -8.35 -2.95 -10.84
N THR B 268 -9.04 -2.86 -9.70
CA THR B 268 -9.24 -4.04 -8.87
C THR B 268 -10.66 -4.09 -8.31
N HIS B 269 -10.94 -5.14 -7.52
CA HIS B 269 -12.25 -5.31 -6.91
C HIS B 269 -13.28 -5.54 -8.02
N ILE B 270 -12.92 -6.39 -8.97
CA ILE B 270 -13.78 -6.72 -10.11
C ILE B 270 -14.91 -7.65 -9.71
N SER B 271 -16.09 -7.42 -10.29
CA SER B 271 -17.25 -8.26 -9.98
C SER B 271 -17.30 -9.49 -10.87
N ALA B 272 -17.69 -10.62 -10.28
CA ALA B 272 -17.77 -11.87 -11.01
C ALA B 272 -18.68 -11.79 -12.23
N ARG B 273 -19.51 -10.75 -12.29
CA ARG B 273 -20.41 -10.60 -13.43
C ARG B 273 -19.64 -10.39 -14.71
N TYR B 274 -18.33 -10.25 -14.58
CA TYR B 274 -17.48 -10.08 -15.76
C TYR B 274 -16.59 -11.31 -15.82
N GLN B 275 -16.25 -11.73 -17.05
CA GLN B 275 -15.45 -12.92 -17.26
C GLN B 275 -13.97 -12.65 -17.53
N GLY B 276 -13.20 -13.75 -17.67
CA GLY B 276 -11.79 -13.62 -17.97
C GLY B 276 -11.68 -12.99 -19.36
N ASP B 277 -12.83 -12.87 -20.01
CA ASP B 277 -12.91 -12.26 -21.33
C ASP B 277 -13.23 -10.78 -21.15
N ALA B 278 -14.24 -10.50 -20.33
CA ALA B 278 -14.67 -9.13 -20.05
C ALA B 278 -13.58 -8.38 -19.32
N SER B 279 -12.80 -9.11 -18.54
CA SER B 279 -11.72 -8.50 -17.76
C SER B 279 -10.77 -7.70 -18.64
N LEU B 280 -10.58 -8.13 -19.89
CA LEU B 280 -9.72 -7.36 -20.79
C LEU B 280 -10.56 -6.29 -21.44
N GLU B 281 -11.87 -6.49 -21.40
CA GLU B 281 -12.79 -5.52 -21.95
C GLU B 281 -12.87 -4.38 -20.95
N LEU B 282 -13.05 -4.76 -19.67
CA LEU B 282 -13.10 -3.80 -18.58
C LEU B 282 -11.86 -2.94 -18.64
N GLN B 283 -10.73 -3.61 -18.83
CA GLN B 283 -9.42 -2.98 -18.90
C GLN B 283 -9.32 -2.02 -20.09
N LYS B 284 -9.92 -2.41 -21.21
CA LYS B 284 -9.87 -1.58 -22.39
C LYS B 284 -10.70 -0.32 -22.21
N GLU B 285 -11.82 -0.45 -21.50
CA GLU B 285 -12.67 0.72 -21.26
C GLU B 285 -11.84 1.80 -20.56
N ALA B 286 -10.93 1.36 -19.70
CA ALA B 286 -10.08 2.26 -18.95
C ALA B 286 -8.87 2.75 -19.74
N VAL B 287 -8.30 1.86 -20.53
CA VAL B 287 -7.12 2.22 -21.31
C VAL B 287 -7.45 3.29 -22.32
N ASP B 288 -8.73 3.42 -22.67
CA ASP B 288 -9.14 4.42 -23.64
C ASP B 288 -9.12 5.81 -23.01
N VAL B 289 -9.13 5.85 -21.68
CA VAL B 289 -9.10 7.11 -20.94
C VAL B 289 -7.71 7.32 -20.36
N PHE B 290 -7.18 6.25 -19.77
CA PHE B 290 -5.86 6.31 -19.17
C PHE B 290 -5.02 5.14 -19.70
N PRO B 291 -4.20 5.41 -20.72
CA PRO B 291 -3.33 4.43 -21.37
C PRO B 291 -2.74 3.37 -20.45
N ASN B 292 -1.99 3.80 -19.45
CA ASN B 292 -1.35 2.85 -18.54
C ASN B 292 -2.23 2.30 -17.42
N SER B 293 -3.15 1.40 -17.80
CA SER B 293 -4.07 0.80 -16.84
C SER B 293 -3.98 -0.72 -16.88
N VAL B 294 -4.26 -1.37 -15.75
CA VAL B 294 -4.18 -2.82 -15.69
C VAL B 294 -5.27 -3.38 -14.83
N ALA B 295 -5.93 -4.42 -15.31
CA ALA B 295 -6.96 -5.04 -14.53
C ALA B 295 -6.24 -5.97 -13.56
N ALA B 296 -6.29 -5.67 -12.28
CA ALA B 296 -5.63 -6.51 -11.31
C ALA B 296 -6.22 -7.90 -11.41
N TYR B 297 -5.51 -8.87 -10.84
CA TYR B 297 -5.95 -10.26 -10.79
C TYR B 297 -5.15 -10.98 -9.73
N ASP B 298 -5.75 -12.00 -9.14
CA ASP B 298 -5.08 -12.74 -8.10
C ASP B 298 -3.67 -13.11 -8.47
N PHE B 299 -2.76 -12.78 -7.54
CA PHE B 299 -1.34 -13.05 -7.65
C PHE B 299 -0.59 -12.26 -8.69
N LEU B 300 -1.14 -11.13 -9.12
CA LEU B 300 -0.43 -10.27 -10.06
C LEU B 300 0.50 -9.47 -9.16
N GLU B 301 1.75 -9.36 -9.56
CA GLU B 301 2.71 -8.61 -8.78
C GLU B 301 3.27 -7.54 -9.68
N VAL B 302 3.30 -6.31 -9.19
CA VAL B 302 3.77 -5.18 -9.95
C VAL B 302 4.80 -4.45 -9.10
N ASN B 303 6.06 -4.47 -9.53
CA ASN B 303 7.09 -3.80 -8.76
C ASN B 303 6.95 -2.31 -9.00
N VAL B 304 7.31 -1.53 -7.99
CA VAL B 304 7.24 -0.08 -8.10
C VAL B 304 8.67 0.41 -8.07
N PRO B 305 9.20 0.82 -9.23
CA PRO B 305 10.57 1.31 -9.38
C PRO B 305 10.73 2.80 -9.13
N ARG B 306 11.94 3.19 -8.72
CA ARG B 306 12.25 4.59 -8.44
C ARG B 306 12.32 5.41 -9.72
N GLY B 307 11.21 6.04 -10.10
CA GLY B 307 11.20 6.85 -11.30
C GLY B 307 12.12 8.07 -11.18
#